data_8T6A
#
_entry.id   8T6A
#
_cell.length_a   1.00
_cell.length_b   1.00
_cell.length_c   1.00
_cell.angle_alpha   90.00
_cell.angle_beta   90.00
_cell.angle_gamma   90.00
#
_symmetry.space_group_name_H-M   'P 1'
#
loop_
_entity.id
_entity.type
_entity.pdbx_description
1 polymer 'Synaptic vesicular amine transporter'
2 non-polymer reserpine
#
_entity_poly.entity_id   1
_entity_poly.type   'polypeptide(L)'
_entity_poly.pdbx_seq_one_letter_code
;RKLILFIVFLALLLDNMLLTVVVPIIPSYLYSIKHEKNATEIQTARPVHTASISDSFQSIFSYYDNSTMVTGNATRDLTL
HQTATQHMVTNASAVPSDCPSEDKDLLNENVQVGLLFASKATVQLITNPFIGLLTNRIGYPIPIFAGFCIMFVSTIMFAF
SSSYAFLLIARSLQGIGSSCSSVAGMGMLASVYTDDEERGNVMGIALGGLAMGVLVGPPFGSVLYEFVGKTAPFLVLAAL
VLLDGAIQLFVLQPSRVQPESQKGTPLTTLLKDPYILIAAGSICFANMGIAMLEPALPIWMMETMCSRKWQLGVAFLPAS
ISYLIGTNIFGILAHKMGRWLCALLGMIIVGVSILCIPFAKNIYGLIAPNFGVGFAIGMVDSSMMPIMGYLVDLRHVSVS
GSVYAIADVAFCMGYAIGPSAGGAIAKAIGFPWLMTIIGIIDILFAPLCFFLRSPPAKEEKMAILMDHNCPIKTKMYTQN
NIQSYPIGEDEESESD
;
_entity_poly.pdbx_strand_id   A
#
loop_
_chem_comp.id
_chem_comp.type
_chem_comp.name
_chem_comp.formula
YHR non-polymer reserpine 'C33 H40 N2 O9'
#
# COMPACT_ATOMS: atom_id res chain seq x y z
N ARG A 1 -25.51 6.21 3.73
CA ARG A 1 -24.60 5.21 3.22
C ARG A 1 -23.69 5.78 2.14
N LYS A 2 -24.21 6.73 1.36
CA LYS A 2 -23.38 7.43 0.38
C LYS A 2 -22.28 8.22 1.08
N LEU A 3 -22.63 8.92 2.16
CA LEU A 3 -21.65 9.69 2.90
C LEU A 3 -20.62 8.79 3.58
N ILE A 4 -21.04 7.63 4.09
CA ILE A 4 -20.09 6.70 4.69
C ILE A 4 -19.11 6.18 3.64
N LEU A 5 -19.61 5.86 2.45
CA LEU A 5 -18.72 5.42 1.37
C LEU A 5 -17.74 6.51 0.99
N PHE A 6 -18.22 7.74 0.87
CA PHE A 6 -17.31 8.86 0.56
C PHE A 6 -16.28 9.05 1.66
N ILE A 7 -16.70 8.92 2.92
CA ILE A 7 -15.78 9.08 4.04
C ILE A 7 -14.69 8.03 4.00
N VAL A 8 -15.07 6.77 3.76
CA VAL A 8 -14.05 5.71 3.72
C VAL A 8 -13.14 5.88 2.52
N PHE A 9 -13.70 6.25 1.37
CA PHE A 9 -12.87 6.49 0.19
C PHE A 9 -11.86 7.59 0.43
N LEU A 10 -12.30 8.70 1.02
CA LEU A 10 -11.40 9.82 1.28
C LEU A 10 -10.39 9.48 2.36
N ALA A 11 -10.78 8.68 3.36
CA ALA A 11 -9.83 8.28 4.39
C ALA A 11 -8.72 7.44 3.79
N LEU A 12 -9.06 6.46 2.95
CA LEU A 12 -8.02 5.65 2.32
C LEU A 12 -7.18 6.48 1.34
N LEU A 13 -7.82 7.41 0.63
CA LEU A 13 -7.08 8.28 -0.29
C LEU A 13 -6.05 9.12 0.46
N LEU A 14 -6.47 9.76 1.55
CA LEU A 14 -5.56 10.59 2.32
C LEU A 14 -4.48 9.74 2.99
N ASP A 15 -4.82 8.54 3.44
CA ASP A 15 -3.81 7.67 4.04
C ASP A 15 -2.71 7.33 3.05
N ASN A 16 -3.09 6.89 1.84
CA ASN A 16 -2.08 6.55 0.86
C ASN A 16 -1.34 7.78 0.34
N MET A 17 -2.03 8.92 0.23
CA MET A 17 -1.36 10.15 -0.17
C MET A 17 -0.32 10.57 0.85
N LEU A 18 -0.63 10.46 2.14
CA LEU A 18 0.36 10.76 3.16
C LEU A 18 1.50 9.73 3.17
N LEU A 19 1.19 8.47 2.83
CA LEU A 19 2.24 7.47 2.76
C LEU A 19 3.20 7.74 1.61
N THR A 20 2.70 8.23 0.48
CA THR A 20 3.52 8.38 -0.72
C THR A 20 4.07 9.78 -0.93
N VAL A 21 3.55 10.80 -0.23
CA VAL A 21 4.09 12.15 -0.39
C VAL A 21 5.53 12.23 0.10
N VAL A 22 5.86 11.48 1.15
CA VAL A 22 7.20 11.55 1.73
C VAL A 22 8.26 10.86 0.90
N VAL A 23 7.87 10.11 -0.13
CA VAL A 23 8.87 9.41 -0.95
C VAL A 23 9.85 10.36 -1.63
N PRO A 24 9.40 11.42 -2.32
CA PRO A 24 10.38 12.36 -2.89
C PRO A 24 10.94 13.37 -1.91
N ILE A 25 10.33 13.55 -0.74
CA ILE A 25 10.70 14.64 0.15
C ILE A 25 11.74 14.19 1.17
N ILE A 26 11.39 13.23 2.01
CA ILE A 26 12.23 12.85 3.15
C ILE A 26 13.58 12.28 2.73
N PRO A 27 13.65 11.30 1.82
CA PRO A 27 14.99 10.80 1.43
C PRO A 27 15.90 11.89 0.90
N SER A 28 15.39 12.80 0.07
CA SER A 28 16.21 13.90 -0.41
C SER A 28 16.50 14.89 0.70
N TYR A 29 15.55 15.11 1.61
CA TYR A 29 15.76 16.04 2.71
C TYR A 29 16.86 15.55 3.65
N LEU A 30 16.80 14.28 4.04
CA LEU A 30 17.83 13.72 4.89
C LEU A 30 19.15 13.56 4.15
N TYR A 31 19.10 13.32 2.84
CA TYR A 31 20.32 13.29 2.04
C TYR A 31 21.01 14.66 2.04
N SER A 32 20.22 15.74 1.94
CA SER A 32 20.78 17.07 1.88
C SER A 32 21.26 17.54 3.24
N ILE A 33 20.52 17.22 4.31
CA ILE A 33 20.88 17.76 5.62
C ILE A 33 22.23 17.21 6.10
N LYS A 34 22.63 16.04 5.61
CA LYS A 34 23.90 15.46 6.02
C LYS A 34 25.09 16.24 5.47
N HIS A 35 24.98 16.74 4.25
CA HIS A 35 26.07 17.46 3.61
C HIS A 35 26.09 18.92 4.04
N ASN A 108 25.56 4.94 6.00
CA ASN A 108 24.60 4.39 6.94
C ASN A 108 23.23 5.04 6.73
N GLU A 109 23.17 5.99 5.80
CA GLU A 109 21.91 6.69 5.53
C GLU A 109 20.87 5.75 4.93
N ASN A 110 21.32 4.81 4.09
CA ASN A 110 20.38 3.89 3.45
C ASN A 110 19.63 3.06 4.50
N VAL A 111 20.34 2.53 5.49
CA VAL A 111 19.70 1.73 6.52
C VAL A 111 18.75 2.57 7.35
N GLN A 112 19.14 3.81 7.66
CA GLN A 112 18.28 4.69 8.45
C GLN A 112 16.99 4.99 7.72
N VAL A 113 17.07 5.33 6.43
CA VAL A 113 15.86 5.61 5.66
C VAL A 113 15.02 4.35 5.50
N GLY A 114 15.67 3.20 5.34
CA GLY A 114 14.92 1.95 5.23
C GLY A 114 14.12 1.65 6.49
N LEU A 115 14.75 1.80 7.65
CA LEU A 115 14.03 1.61 8.91
C LEU A 115 12.93 2.64 9.09
N LEU A 116 13.19 3.89 8.72
CA LEU A 116 12.18 4.94 8.82
C LEU A 116 10.96 4.61 7.96
N PHE A 117 11.17 4.06 6.77
CA PHE A 117 10.06 3.71 5.90
C PHE A 117 9.35 2.44 6.33
N ALA A 118 10.08 1.46 6.88
CA ALA A 118 9.46 0.20 7.30
C ALA A 118 8.78 0.28 8.65
N SER A 119 9.05 1.34 9.43
CA SER A 119 8.43 1.47 10.74
C SER A 119 6.91 1.55 10.64
N LYS A 120 6.41 2.32 9.67
CA LYS A 120 4.96 2.45 9.53
C LYS A 120 4.31 1.11 9.23
N ALA A 121 4.89 0.34 8.31
CA ALA A 121 4.32 -0.95 7.96
C ALA A 121 4.37 -1.93 9.13
N THR A 122 5.49 -1.99 9.84
CA THR A 122 5.56 -2.95 10.95
C THR A 122 4.64 -2.54 12.10
N VAL A 123 4.52 -1.23 12.36
CA VAL A 123 3.60 -0.77 13.41
C VAL A 123 2.16 -1.09 13.03
N GLN A 124 1.80 -0.87 11.76
CA GLN A 124 0.46 -1.21 11.31
C GLN A 124 0.20 -2.71 11.44
N LEU A 125 1.18 -3.53 11.08
CA LEU A 125 1.03 -4.98 11.20
C LEU A 125 0.82 -5.39 12.65
N ILE A 126 1.57 -4.78 13.57
CA ILE A 126 1.42 -5.11 14.99
C ILE A 126 0.07 -4.63 15.52
N THR A 127 -0.38 -3.46 15.08
CA THR A 127 -1.57 -2.85 15.65
C THR A 127 -2.86 -3.55 15.18
N ASN A 128 -2.84 -4.17 14.01
CA ASN A 128 -4.06 -4.73 13.41
C ASN A 128 -4.84 -5.65 14.34
N PRO A 129 -4.22 -6.59 15.06
CA PRO A 129 -5.02 -7.42 15.99
C PRO A 129 -5.71 -6.61 17.07
N PHE A 130 -5.11 -5.53 17.56
CA PHE A 130 -5.65 -4.77 18.68
C PHE A 130 -6.65 -3.71 18.26
N ILE A 131 -6.95 -3.59 16.97
CA ILE A 131 -8.02 -2.71 16.52
C ILE A 131 -9.33 -3.47 16.36
N GLY A 132 -9.25 -4.70 15.85
CA GLY A 132 -10.43 -5.54 15.81
C GLY A 132 -11.01 -5.82 17.18
N LEU A 133 -10.14 -6.01 18.18
CA LEU A 133 -10.62 -6.21 19.55
C LEU A 133 -11.30 -4.96 20.11
N LEU A 134 -10.94 -3.78 19.58
CA LEU A 134 -11.59 -2.56 20.01
C LEU A 134 -12.93 -2.35 19.30
N THR A 135 -12.97 -2.63 18.00
CA THR A 135 -14.22 -2.52 17.25
C THR A 135 -15.24 -3.54 17.70
N ASN A 136 -14.78 -4.72 18.14
CA ASN A 136 -15.69 -5.72 18.68
C ASN A 136 -16.36 -5.26 19.97
N ARG A 137 -15.81 -4.24 20.63
CA ARG A 137 -16.33 -3.77 21.90
C ARG A 137 -17.07 -2.44 21.79
N ILE A 138 -16.55 -1.48 21.05
CA ILE A 138 -17.12 -0.13 21.02
C ILE A 138 -17.52 0.30 19.62
N GLY A 139 -17.53 -0.61 18.66
CA GLY A 139 -18.00 -0.28 17.33
C GLY A 139 -16.99 0.47 16.49
N TYR A 140 -17.46 0.91 15.33
CA TYR A 140 -16.65 1.51 14.27
C TYR A 140 -16.35 2.99 14.39
N PRO A 141 -17.33 3.87 14.71
CA PRO A 141 -17.06 5.31 14.60
C PRO A 141 -15.94 5.84 15.48
N ILE A 142 -15.77 5.29 16.69
CA ILE A 142 -14.76 5.80 17.62
C ILE A 142 -13.35 5.52 17.09
N PRO A 143 -13.01 4.27 16.68
CA PRO A 143 -11.69 4.07 16.07
C PRO A 143 -11.52 4.81 14.76
N ILE A 144 -12.59 5.05 14.00
CA ILE A 144 -12.47 5.84 12.78
C ILE A 144 -12.02 7.27 13.10
N PHE A 145 -12.68 7.90 14.07
CA PHE A 145 -12.31 9.26 14.44
C PHE A 145 -10.94 9.31 15.11
N ALA A 146 -10.60 8.29 15.89
CA ALA A 146 -9.25 8.24 16.46
C ALA A 146 -8.20 8.09 15.37
N GLY A 147 -8.49 7.29 14.33
CA GLY A 147 -7.57 7.20 13.21
C GLY A 147 -7.38 8.54 12.52
N PHE A 148 -8.48 9.27 12.32
CA PHE A 148 -8.37 10.59 11.71
C PHE A 148 -7.54 11.55 12.57
N CYS A 149 -7.72 11.52 13.89
CA CYS A 149 -6.93 12.37 14.77
C CYS A 149 -5.45 12.00 14.71
N ILE A 150 -5.15 10.70 14.73
CA ILE A 150 -3.77 10.26 14.64
C ILE A 150 -3.16 10.66 13.30
N MET A 151 -3.95 10.60 12.22
CA MET A 151 -3.46 11.04 10.92
C MET A 151 -3.13 12.52 10.93
N PHE A 152 -3.97 13.35 11.56
CA PHE A 152 -3.67 14.78 11.62
C PHE A 152 -2.42 15.04 12.44
N VAL A 153 -2.25 14.33 13.57
CA VAL A 153 -1.05 14.51 14.38
C VAL A 153 0.20 14.13 13.60
N SER A 154 0.14 12.99 12.91
CA SER A 154 1.28 12.56 12.09
C SER A 154 1.57 13.56 10.98
N THR A 155 0.53 14.09 10.35
CA THR A 155 0.73 15.06 9.28
C THR A 155 1.41 16.32 9.79
N ILE A 156 0.98 16.82 10.96
CA ILE A 156 1.62 18.01 11.53
C ILE A 156 3.07 17.74 11.87
N MET A 157 3.36 16.58 12.49
CA MET A 157 4.73 16.25 12.83
C MET A 157 5.60 16.12 11.59
N PHE A 158 5.06 15.54 10.52
CA PHE A 158 5.78 15.52 9.24
C PHE A 158 6.03 16.94 8.73
N ALA A 159 5.04 17.82 8.88
CA ALA A 159 5.17 19.17 8.36
C ALA A 159 6.30 19.92 9.04
N PHE A 160 6.36 19.87 10.37
CA PHE A 160 7.25 20.79 11.07
C PHE A 160 8.53 20.16 11.60
N SER A 161 8.63 18.84 11.67
CA SER A 161 9.85 18.22 12.20
C SER A 161 11.00 18.35 11.20
N SER A 162 12.22 18.39 11.74
CA SER A 162 13.43 18.40 10.94
C SER A 162 14.51 17.51 11.54
N SER A 163 14.11 16.48 12.29
CA SER A 163 15.03 15.56 12.93
C SER A 163 14.59 14.13 12.62
N TYR A 164 15.57 13.22 12.62
CA TYR A 164 15.27 11.84 12.26
C TYR A 164 14.34 11.17 13.27
N ALA A 165 14.54 11.44 14.56
CA ALA A 165 13.70 10.80 15.58
C ALA A 165 12.24 11.22 15.45
N PHE A 166 11.99 12.52 15.23
CA PHE A 166 10.62 12.99 15.09
C PHE A 166 9.97 12.45 13.82
N LEU A 167 10.74 12.32 12.73
CA LEU A 167 10.21 11.70 11.53
C LEU A 167 9.87 10.23 11.77
N LEU A 168 10.70 9.52 12.54
CA LEU A 168 10.40 8.15 12.88
C LEU A 168 9.11 8.05 13.71
N ILE A 169 8.95 8.96 14.66
CA ILE A 169 7.74 8.98 15.47
C ILE A 169 6.51 9.25 14.60
N ALA A 170 6.63 10.21 13.67
CA ALA A 170 5.51 10.53 12.79
C ALA A 170 5.16 9.36 11.87
N ARG A 171 6.17 8.65 11.36
CA ARG A 171 5.89 7.45 10.56
C ARG A 171 5.21 6.37 11.39
N SER A 172 5.68 6.17 12.63
CA SER A 172 5.09 5.13 13.48
C SER A 172 3.63 5.44 13.79
N LEU A 173 3.33 6.71 14.08
CA LEU A 173 1.95 7.09 14.37
C LEU A 173 1.04 6.83 13.18
N GLN A 174 1.56 7.03 11.96
CA GLN A 174 0.76 6.79 10.77
C GLN A 174 0.28 5.34 10.69
N GLY A 175 1.05 4.41 11.23
CA GLY A 175 0.63 3.02 11.23
C GLY A 175 -0.59 2.77 12.11
N ILE A 176 -0.66 3.43 13.25
CA ILE A 176 -1.79 3.25 14.15
C ILE A 176 -3.06 3.83 13.53
N GLY A 177 -2.98 5.07 13.04
CA GLY A 177 -4.13 5.68 12.42
C GLY A 177 -4.55 4.99 11.14
N SER A 178 -3.59 4.49 10.37
CA SER A 178 -3.94 3.75 9.15
C SER A 178 -4.66 2.46 9.48
N SER A 179 -4.16 1.72 10.47
CA SER A 179 -4.85 0.50 10.90
C SER A 179 -6.26 0.81 11.39
N CYS A 180 -6.39 1.80 12.28
CA CYS A 180 -7.70 2.18 12.80
C CYS A 180 -8.66 2.49 11.66
N SER A 181 -8.30 3.46 10.81
CA SER A 181 -9.20 3.88 9.75
C SER A 181 -9.49 2.78 8.75
N SER A 182 -8.49 2.00 8.35
CA SER A 182 -8.73 0.97 7.34
C SER A 182 -9.64 -0.13 7.88
N VAL A 183 -9.29 -0.70 9.04
CA VAL A 183 -10.08 -1.80 9.59
C VAL A 183 -11.49 -1.33 9.92
N ALA A 184 -11.63 -0.19 10.59
CA ALA A 184 -12.95 0.24 11.02
C ALA A 184 -13.80 0.73 9.87
N GLY A 185 -13.23 1.46 8.90
CA GLY A 185 -14.00 1.88 7.75
C GLY A 185 -14.46 0.70 6.91
N MET A 186 -13.55 -0.27 6.67
CA MET A 186 -13.93 -1.43 5.90
C MET A 186 -15.00 -2.26 6.61
N GLY A 187 -14.89 -2.42 7.93
CA GLY A 187 -15.93 -3.11 8.67
C GLY A 187 -17.26 -2.39 8.60
N MET A 188 -17.24 -1.06 8.73
CA MET A 188 -18.47 -0.29 8.66
C MET A 188 -19.13 -0.43 7.29
N LEU A 189 -18.33 -0.39 6.23
CA LEU A 189 -18.87 -0.59 4.89
C LEU A 189 -19.44 -2.00 4.73
N ALA A 190 -18.68 -3.01 5.16
CA ALA A 190 -19.13 -4.39 5.00
C ALA A 190 -20.35 -4.71 5.85
N SER A 191 -20.64 -3.90 6.86
CA SER A 191 -21.79 -4.15 7.72
C SER A 191 -22.99 -3.28 7.40
N VAL A 192 -22.79 -2.06 6.89
CA VAL A 192 -23.92 -1.18 6.59
C VAL A 192 -24.71 -1.70 5.40
N TYR A 193 -24.02 -2.13 4.34
CA TYR A 193 -24.67 -2.61 3.14
C TYR A 193 -25.04 -4.08 3.30
N THR A 194 -26.34 -4.37 3.21
CA THR A 194 -26.83 -5.73 3.41
C THR A 194 -26.84 -6.53 2.11
N ASP A 195 -27.20 -5.91 0.99
CA ASP A 195 -27.20 -6.60 -0.29
C ASP A 195 -25.76 -6.83 -0.75
N ASP A 196 -25.41 -8.08 -1.02
CA ASP A 196 -24.03 -8.40 -1.38
C ASP A 196 -23.66 -7.81 -2.74
N GLU A 197 -24.63 -7.69 -3.66
CA GLU A 197 -24.33 -7.05 -4.93
C GLU A 197 -24.00 -5.57 -4.75
N GLU A 198 -24.73 -4.89 -3.87
CA GLU A 198 -24.38 -3.50 -3.55
C GLU A 198 -23.07 -3.44 -2.77
N ARG A 199 -22.88 -4.38 -1.84
CA ARG A 199 -21.69 -4.35 -0.98
C ARG A 199 -20.42 -4.55 -1.79
N GLY A 200 -20.45 -5.45 -2.77
CA GLY A 200 -19.27 -5.67 -3.59
C GLY A 200 -18.88 -4.44 -4.38
N ASN A 201 -19.86 -3.79 -5.01
CA ASN A 201 -19.59 -2.57 -5.76
C ASN A 201 -19.09 -1.46 -4.84
N VAL A 202 -19.69 -1.32 -3.66
CA VAL A 202 -19.29 -0.27 -2.74
C VAL A 202 -17.86 -0.49 -2.27
N MET A 203 -17.51 -1.72 -1.89
CA MET A 203 -16.15 -1.99 -1.43
C MET A 203 -15.15 -1.92 -2.57
N GLY A 204 -15.59 -2.17 -3.80
CA GLY A 204 -14.71 -1.95 -4.94
C GLY A 204 -14.42 -0.47 -5.17
N ILE A 205 -15.45 0.37 -5.02
CA ILE A 205 -15.26 1.82 -5.19
C ILE A 205 -14.37 2.37 -4.08
N ALA A 206 -14.60 1.95 -2.84
CA ALA A 206 -13.85 2.50 -1.71
C ALA A 206 -12.40 2.02 -1.73
N LEU A 207 -12.18 0.73 -1.94
CA LEU A 207 -10.82 0.20 -1.99
C LEU A 207 -10.03 0.74 -3.16
N GLY A 208 -10.69 1.30 -4.17
CA GLY A 208 -10.00 1.96 -5.25
C GLY A 208 -9.43 3.31 -4.89
N GLY A 209 -9.74 3.83 -3.70
CA GLY A 209 -9.17 5.07 -3.25
C GLY A 209 -7.71 4.97 -2.83
N LEU A 210 -7.24 3.75 -2.56
CA LEU A 210 -5.84 3.55 -2.21
C LEU A 210 -4.93 3.82 -3.41
N ALA A 211 -5.27 3.24 -4.56
CA ALA A 211 -4.44 3.43 -5.75
C ALA A 211 -4.54 4.86 -6.28
N MET A 212 -5.71 5.50 -6.16
CA MET A 212 -5.82 6.89 -6.55
C MET A 212 -4.96 7.78 -5.65
N GLY A 213 -4.93 7.49 -4.35
CA GLY A 213 -4.05 8.23 -3.46
C GLY A 213 -2.59 8.03 -3.79
N VAL A 214 -2.21 6.78 -4.12
CA VAL A 214 -0.83 6.50 -4.51
C VAL A 214 -0.48 7.25 -5.79
N LEU A 215 -1.43 7.35 -6.72
CA LEU A 215 -1.19 8.10 -7.95
C LEU A 215 -1.01 9.59 -7.68
N VAL A 216 -1.90 10.17 -6.86
CA VAL A 216 -1.87 11.62 -6.64
C VAL A 216 -0.66 12.03 -5.81
N GLY A 217 -0.26 11.19 -4.86
CA GLY A 217 0.74 11.55 -3.85
C GLY A 217 2.04 12.16 -4.35
N PRO A 218 2.86 11.37 -5.05
CA PRO A 218 4.24 11.79 -5.34
C PRO A 218 4.33 13.08 -6.13
N PRO A 219 3.63 13.24 -7.27
CA PRO A 219 3.82 14.48 -8.04
C PRO A 219 3.44 15.73 -7.26
N PHE A 220 2.38 15.66 -6.46
CA PHE A 220 1.97 16.79 -5.64
C PHE A 220 3.05 17.18 -4.66
N GLY A 221 3.57 16.19 -3.93
CA GLY A 221 4.64 16.45 -2.98
C GLY A 221 5.89 16.98 -3.64
N SER A 222 6.26 16.43 -4.79
CA SER A 222 7.48 16.86 -5.48
C SER A 222 7.36 18.30 -5.94
N VAL A 223 6.24 18.66 -6.58
CA VAL A 223 6.07 20.01 -7.09
C VAL A 223 6.05 21.01 -5.93
N LEU A 224 5.29 20.70 -4.87
CA LEU A 224 5.21 21.66 -3.78
C LEU A 224 6.51 21.73 -2.98
N TYR A 225 7.28 20.64 -2.93
CA TYR A 225 8.57 20.68 -2.26
C TYR A 225 9.58 21.48 -3.05
N GLU A 226 9.52 21.39 -4.38
CA GLU A 226 10.44 22.16 -5.20
C GLU A 226 10.11 23.65 -5.18
N PHE A 227 8.83 24.00 -5.22
CA PHE A 227 8.46 25.38 -5.50
C PHE A 227 8.00 26.18 -4.29
N VAL A 228 7.40 25.55 -3.27
CA VAL A 228 6.90 26.33 -2.14
C VAL A 228 7.34 25.72 -0.81
N GLY A 229 8.36 24.87 -0.83
CA GLY A 229 8.98 24.39 0.39
C GLY A 229 8.45 23.04 0.84
N LYS A 230 9.07 22.55 1.91
CA LYS A 230 8.78 21.21 2.42
C LYS A 230 7.49 21.17 3.22
N THR A 231 7.15 22.25 3.93
CA THR A 231 6.00 22.21 4.83
C THR A 231 4.68 22.28 4.09
N ALA A 232 4.66 22.88 2.89
CA ALA A 232 3.40 23.13 2.19
C ALA A 232 2.61 21.87 1.85
N PRO A 233 3.20 20.80 1.28
CA PRO A 233 2.37 19.61 1.00
C PRO A 233 1.73 19.04 2.24
N PHE A 234 2.47 18.97 3.34
CA PHE A 234 1.92 18.41 4.57
C PHE A 234 0.88 19.32 5.18
N LEU A 235 1.03 20.64 5.07
CA LEU A 235 -0.02 21.53 5.57
C LEU A 235 -1.30 21.38 4.75
N VAL A 236 -1.17 21.25 3.43
CA VAL A 236 -2.36 21.05 2.60
C VAL A 236 -3.05 19.73 2.95
N LEU A 237 -2.25 18.68 3.15
CA LEU A 237 -2.83 17.39 3.51
C LEU A 237 -3.46 17.43 4.91
N ALA A 238 -2.88 18.21 5.82
CA ALA A 238 -3.50 18.38 7.14
C ALA A 238 -4.84 19.10 7.02
N ALA A 239 -4.93 20.09 6.13
CA ALA A 239 -6.21 20.75 5.90
C ALA A 239 -7.24 19.76 5.36
N LEU A 240 -6.82 18.90 4.43
CA LEU A 240 -7.74 17.88 3.90
C LEU A 240 -8.19 16.92 5.00
N VAL A 241 -7.28 16.52 5.87
CA VAL A 241 -7.64 15.62 6.98
C VAL A 241 -8.61 16.32 7.93
N LEU A 242 -8.41 17.60 8.17
CA LEU A 242 -9.35 18.36 8.99
C LEU A 242 -10.73 18.40 8.36
N LEU A 243 -10.79 18.58 7.04
CA LEU A 243 -12.09 18.59 6.37
C LEU A 243 -12.77 17.23 6.50
N ASP A 244 -12.00 16.14 6.35
CA ASP A 244 -12.58 14.82 6.52
C ASP A 244 -13.09 14.61 7.94
N GLY A 245 -12.33 15.08 8.93
CA GLY A 245 -12.78 14.98 10.31
C GLY A 245 -14.03 15.77 10.57
N ALA A 246 -14.17 16.93 9.92
CA ALA A 246 -15.40 17.72 10.05
C ALA A 246 -16.58 17.03 9.37
N ILE A 247 -16.32 16.32 8.26
CA ILE A 247 -17.37 15.52 7.64
C ILE A 247 -17.82 14.42 8.60
N GLN A 248 -16.88 13.86 9.37
CA GLN A 248 -17.23 12.83 10.35
C GLN A 248 -18.25 13.34 11.34
N LEU A 249 -18.19 14.62 11.71
CA LEU A 249 -19.16 15.17 12.66
C LEU A 249 -20.55 15.21 12.06
N PHE A 250 -20.67 15.60 10.79
CA PHE A 250 -21.98 15.65 10.14
C PHE A 250 -22.55 14.24 9.96
N VAL A 251 -21.71 13.28 9.61
CA VAL A 251 -22.21 11.97 9.20
C VAL A 251 -22.40 11.02 10.38
N LEU A 252 -21.31 10.72 11.09
CA LEU A 252 -21.29 9.57 11.99
C LEU A 252 -21.69 9.90 13.42
N GLN A 253 -21.40 11.11 13.91
CA GLN A 253 -21.48 11.41 15.33
C GLN A 253 -20.68 10.36 16.10
N PRO A 254 -19.34 10.48 16.12
CA PRO A 254 -18.52 9.39 16.68
C PRO A 254 -18.80 9.05 18.13
N SER A 255 -19.63 9.84 18.83
CA SER A 255 -20.00 9.50 20.20
C SER A 255 -20.87 8.25 20.27
N ARG A 256 -21.41 7.78 19.15
CA ARG A 256 -22.26 6.60 19.16
C ARG A 256 -21.42 5.35 19.41
N VAL A 257 -21.79 4.60 20.43
CA VAL A 257 -21.20 3.28 20.69
C VAL A 257 -22.09 2.22 20.05
N GLN A 258 -21.49 1.35 19.24
CA GLN A 258 -22.24 0.36 18.50
C GLN A 258 -21.73 -1.04 18.81
N PRO A 259 -22.60 -2.04 18.78
CA PRO A 259 -22.16 -3.42 18.91
C PRO A 259 -21.60 -3.95 17.61
N GLU A 260 -21.00 -5.13 17.69
CA GLU A 260 -20.47 -5.80 16.50
C GLU A 260 -20.44 -7.31 16.75
N SER A 261 -20.57 -8.07 15.68
CA SER A 261 -20.52 -9.52 15.72
C SER A 261 -19.45 -10.03 14.77
N GLN A 262 -18.80 -11.13 15.17
CA GLN A 262 -17.72 -11.73 14.40
C GLN A 262 -18.21 -12.98 13.72
N LYS A 263 -17.88 -13.12 12.43
CA LYS A 263 -18.27 -14.26 11.63
C LYS A 263 -17.06 -14.74 10.84
N GLY A 264 -17.27 -15.76 10.01
CA GLY A 264 -16.21 -16.25 9.16
C GLY A 264 -15.17 -17.08 9.90
N THR A 265 -14.02 -17.25 9.25
CA THR A 265 -12.91 -18.06 9.71
C THR A 265 -11.76 -17.19 10.21
N PRO A 266 -11.17 -17.50 11.35
CA PRO A 266 -10.03 -16.70 11.83
C PRO A 266 -8.87 -16.72 10.85
N LEU A 267 -8.14 -15.61 10.80
CA LEU A 267 -7.07 -15.45 9.83
C LEU A 267 -5.96 -16.47 10.03
N THR A 268 -5.60 -16.75 11.30
CA THR A 268 -4.51 -17.68 11.56
C THR A 268 -4.81 -19.08 11.05
N THR A 269 -6.08 -19.43 10.88
CA THR A 269 -6.43 -20.70 10.27
C THR A 269 -6.25 -20.67 8.76
N LEU A 270 -6.54 -19.51 8.13
CA LEU A 270 -6.38 -19.40 6.70
C LEU A 270 -4.90 -19.38 6.30
N LEU A 271 -4.06 -18.73 7.10
CA LEU A 271 -2.63 -18.66 6.78
C LEU A 271 -1.94 -20.00 6.88
N LYS A 272 -2.56 -20.99 7.53
CA LYS A 272 -2.02 -22.34 7.56
C LYS A 272 -2.21 -23.08 6.25
N ASP A 273 -3.07 -22.57 5.36
CA ASP A 273 -3.33 -23.24 4.08
C ASP A 273 -2.25 -22.87 3.08
N PRO A 274 -1.58 -23.87 2.47
CA PRO A 274 -0.50 -23.56 1.53
C PRO A 274 -0.92 -22.79 0.29
N TYR A 275 -2.18 -22.92 -0.17
CA TYR A 275 -2.59 -22.21 -1.37
C TYR A 275 -2.80 -20.72 -1.10
N ILE A 276 -3.45 -20.40 0.02
CA ILE A 276 -3.52 -19.02 0.45
C ILE A 276 -2.13 -18.47 0.69
N LEU A 277 -1.22 -19.30 1.19
CA LEU A 277 0.17 -18.88 1.34
C LEU A 277 0.79 -18.55 -0.01
N ILE A 278 0.52 -19.36 -1.04
CA ILE A 278 1.08 -19.09 -2.37
C ILE A 278 0.57 -17.75 -2.90
N ALA A 279 -0.74 -17.52 -2.79
CA ALA A 279 -1.31 -16.28 -3.32
C ALA A 279 -0.80 -15.06 -2.54
N ALA A 280 -0.80 -15.15 -1.21
CA ALA A 280 -0.34 -14.03 -0.40
C ALA A 280 1.14 -13.77 -0.60
N GLY A 281 1.94 -14.82 -0.77
CA GLY A 281 3.36 -14.63 -1.05
C GLY A 281 3.60 -13.98 -2.40
N SER A 282 2.81 -14.37 -3.41
CA SER A 282 2.94 -13.72 -4.71
C SER A 282 2.65 -12.23 -4.60
N ILE A 283 1.57 -11.87 -3.93
CA ILE A 283 1.25 -10.45 -3.74
C ILE A 283 2.35 -9.75 -2.94
N CYS A 284 2.83 -10.40 -1.89
CA CYS A 284 3.83 -9.80 -1.01
C CYS A 284 5.12 -9.52 -1.75
N PHE A 285 5.59 -10.47 -2.56
CA PHE A 285 6.83 -10.25 -3.31
C PHE A 285 6.63 -9.22 -4.41
N ALA A 286 5.50 -9.28 -5.12
CA ALA A 286 5.24 -8.32 -6.19
C ALA A 286 5.23 -6.89 -5.65
N ASN A 287 4.68 -6.69 -4.45
CA ASN A 287 4.66 -5.35 -3.88
C ASN A 287 5.95 -5.01 -3.13
N MET A 288 6.70 -6.01 -2.66
CA MET A 288 7.99 -5.74 -2.06
C MET A 288 8.98 -5.23 -3.10
N GLY A 289 8.80 -5.65 -4.36
CA GLY A 289 9.63 -5.16 -5.44
C GLY A 289 9.62 -3.65 -5.59
N ILE A 290 8.56 -2.98 -5.13
CA ILE A 290 8.52 -1.53 -5.11
C ILE A 290 8.57 -0.96 -3.69
N ALA A 291 8.27 -1.77 -2.67
CA ALA A 291 8.53 -1.34 -1.30
C ALA A 291 10.02 -1.05 -1.10
N MET A 292 10.88 -1.85 -1.74
CA MET A 292 12.30 -1.55 -1.71
C MET A 292 12.66 -0.38 -2.61
N LEU A 293 11.89 -0.15 -3.66
CA LEU A 293 12.18 0.92 -4.61
C LEU A 293 11.80 2.29 -4.08
N GLU A 294 10.82 2.36 -3.18
CA GLU A 294 10.35 3.66 -2.68
C GLU A 294 11.45 4.50 -2.03
N PRO A 295 12.25 3.99 -1.07
CA PRO A 295 13.23 4.86 -0.42
C PRO A 295 14.57 4.92 -1.14
N ALA A 296 14.81 3.98 -2.06
CA ALA A 296 16.11 3.87 -2.70
C ALA A 296 16.19 4.61 -4.03
N LEU A 297 15.08 4.74 -4.75
CA LEU A 297 15.13 5.44 -6.04
C LEU A 297 15.48 6.92 -5.91
N PRO A 298 14.86 7.70 -5.01
CA PRO A 298 15.25 9.12 -4.91
C PRO A 298 16.69 9.34 -4.51
N ILE A 299 17.35 8.36 -3.91
CA ILE A 299 18.77 8.47 -3.61
C ILE A 299 19.63 8.00 -4.78
N TRP A 300 19.16 7.01 -5.53
CA TRP A 300 19.87 6.56 -6.73
C TRP A 300 19.70 7.53 -7.90
N MET A 301 18.63 8.33 -7.92
CA MET A 301 18.46 9.33 -8.96
C MET A 301 19.46 10.46 -8.84
N MET A 302 20.22 10.54 -7.74
CA MET A 302 21.31 11.50 -7.64
C MET A 302 22.49 11.16 -8.55
N GLU A 303 22.50 9.96 -9.14
CA GLU A 303 23.49 9.62 -10.15
C GLU A 303 23.34 10.47 -11.40
N THR A 304 22.13 10.99 -11.66
CA THR A 304 21.87 11.83 -12.81
C THR A 304 21.85 13.31 -12.45
N MET A 305 22.23 13.67 -11.22
CA MET A 305 22.15 15.04 -10.72
C MET A 305 20.73 15.58 -10.90
N CYS A 306 19.76 14.75 -10.57
CA CYS A 306 18.36 15.03 -10.88
C CYS A 306 17.78 16.07 -9.94
N SER A 307 17.07 17.03 -10.51
CA SER A 307 16.38 18.05 -9.73
C SER A 307 15.05 17.52 -9.22
N ARG A 308 14.40 18.32 -8.38
CA ARG A 308 13.08 17.97 -7.87
C ARG A 308 11.94 18.50 -8.71
N LYS A 309 12.21 19.46 -9.59
CA LYS A 309 11.15 20.09 -10.39
C LYS A 309 10.63 19.09 -11.43
N TRP A 310 9.43 18.57 -11.18
CA TRP A 310 8.77 17.64 -12.10
C TRP A 310 9.60 16.38 -12.37
N GLN A 311 10.48 16.01 -11.45
CA GLN A 311 11.34 14.85 -11.69
C GLN A 311 11.23 13.77 -10.62
N LEU A 312 11.36 14.14 -9.34
CA LEU A 312 11.48 13.11 -8.30
C LEU A 312 10.17 12.37 -8.05
N GLY A 313 9.02 12.95 -8.38
CA GLY A 313 7.77 12.24 -8.28
C GLY A 313 7.26 11.77 -9.62
N VAL A 314 7.59 12.54 -10.66
CA VAL A 314 7.25 12.13 -12.02
C VAL A 314 8.03 10.89 -12.44
N ALA A 315 9.11 10.56 -11.72
CA ALA A 315 9.77 9.27 -11.96
C ALA A 315 8.87 8.11 -11.54
N PHE A 316 8.14 8.27 -10.44
CA PHE A 316 7.21 7.24 -9.97
C PHE A 316 5.85 7.32 -10.62
N LEU A 317 5.52 8.46 -11.25
CA LEU A 317 4.21 8.63 -11.87
C LEU A 317 3.87 7.55 -12.90
N PRO A 318 4.76 7.14 -13.82
CA PRO A 318 4.36 6.11 -14.79
C PRO A 318 3.91 4.81 -14.15
N ALA A 319 4.54 4.38 -13.06
CA ALA A 319 4.09 3.17 -12.39
C ALA A 319 2.69 3.34 -11.84
N SER A 320 2.40 4.51 -11.26
CA SER A 320 1.07 4.76 -10.70
C SER A 320 0.00 4.74 -11.79
N ILE A 321 0.28 5.34 -12.95
CA ILE A 321 -0.70 5.34 -14.03
C ILE A 321 -0.87 3.94 -14.62
N SER A 322 0.24 3.25 -14.85
CA SER A 322 0.18 1.92 -15.44
C SER A 322 -0.51 0.93 -14.52
N TYR A 323 -0.45 1.14 -13.21
CA TYR A 323 -1.20 0.26 -12.31
C TYR A 323 -2.70 0.36 -12.59
N LEU A 324 -3.22 1.58 -12.71
CA LEU A 324 -4.64 1.76 -13.00
C LEU A 324 -4.99 1.16 -14.37
N ILE A 325 -4.15 1.41 -15.37
CA ILE A 325 -4.44 0.88 -16.71
C ILE A 325 -4.46 -0.64 -16.70
N GLY A 326 -3.44 -1.24 -16.08
CA GLY A 326 -3.36 -2.69 -16.04
C GLY A 326 -4.48 -3.33 -15.25
N THR A 327 -4.85 -2.74 -14.12
CA THR A 327 -5.98 -3.25 -13.35
C THR A 327 -7.26 -3.18 -14.17
N ASN A 328 -7.51 -2.03 -14.82
CA ASN A 328 -8.74 -1.89 -15.58
C ASN A 328 -8.82 -2.91 -16.70
N ILE A 329 -7.73 -3.15 -17.41
CA ILE A 329 -7.77 -4.10 -18.52
C ILE A 329 -7.85 -5.54 -18.00
N PHE A 330 -7.03 -5.89 -17.01
CA PHE A 330 -6.87 -7.29 -16.67
C PHE A 330 -7.87 -7.79 -15.64
N GLY A 331 -8.54 -6.92 -14.88
CA GLY A 331 -9.67 -7.39 -14.09
C GLY A 331 -10.75 -7.99 -14.96
N ILE A 332 -10.82 -7.57 -16.22
CA ILE A 332 -11.73 -8.16 -17.19
C ILE A 332 -11.07 -9.31 -17.94
N LEU A 333 -9.82 -9.12 -18.39
CA LEU A 333 -9.19 -10.13 -19.24
C LEU A 333 -8.74 -11.38 -18.48
N ALA A 334 -8.58 -11.31 -17.16
CA ALA A 334 -8.01 -12.44 -16.42
C ALA A 334 -8.94 -13.64 -16.39
N HIS A 335 -10.25 -13.39 -16.24
CA HIS A 335 -11.19 -14.50 -16.20
C HIS A 335 -11.19 -15.28 -17.51
N LYS A 336 -11.10 -14.57 -18.64
CA LYS A 336 -10.98 -15.24 -19.92
C LYS A 336 -9.65 -15.98 -20.04
N MET A 337 -8.55 -15.30 -19.68
CA MET A 337 -7.23 -15.89 -19.87
C MET A 337 -6.90 -16.93 -18.80
N GLY A 338 -7.44 -16.77 -17.60
CA GLY A 338 -7.06 -17.62 -16.48
C GLY A 338 -6.25 -16.85 -15.46
N ARG A 339 -6.73 -16.81 -14.21
CA ARG A 339 -6.09 -15.95 -13.22
C ARG A 339 -4.70 -16.46 -12.83
N TRP A 340 -4.48 -17.78 -12.84
CA TRP A 340 -3.16 -18.29 -12.50
C TRP A 340 -2.13 -17.91 -13.56
N LEU A 341 -2.48 -18.08 -14.84
CA LEU A 341 -1.57 -17.69 -15.91
C LEU A 341 -1.35 -16.18 -15.93
N CYS A 342 -2.41 -15.42 -15.68
CA CYS A 342 -2.30 -13.97 -15.61
C CYS A 342 -1.34 -13.54 -14.50
N ALA A 343 -1.46 -14.16 -13.33
CA ALA A 343 -0.56 -13.85 -12.22
C ALA A 343 0.88 -14.24 -12.54
N LEU A 344 1.08 -15.40 -13.18
CA LEU A 344 2.43 -15.82 -13.54
C LEU A 344 3.08 -14.84 -14.50
N LEU A 345 2.32 -14.43 -15.53
CA LEU A 345 2.85 -13.44 -16.48
C LEU A 345 3.16 -12.13 -15.76
N GLY A 346 2.30 -11.69 -14.85
CA GLY A 346 2.56 -10.48 -14.12
C GLY A 346 3.82 -10.56 -13.28
N MET A 347 4.04 -11.70 -12.62
CA MET A 347 5.26 -11.87 -11.83
C MET A 347 6.50 -11.82 -12.70
N ILE A 348 6.47 -12.49 -13.86
CA ILE A 348 7.62 -12.49 -14.75
C ILE A 348 7.92 -11.08 -15.25
N ILE A 349 6.87 -10.34 -15.63
CA ILE A 349 7.08 -8.99 -16.14
C ILE A 349 7.59 -8.07 -15.03
N VAL A 350 7.11 -8.25 -13.80
CA VAL A 350 7.62 -7.46 -12.68
C VAL A 350 9.10 -7.70 -12.51
N GLY A 351 9.51 -8.97 -12.49
CA GLY A 351 10.92 -9.29 -12.34
C GLY A 351 11.77 -8.68 -13.44
N VAL A 352 11.32 -8.83 -14.69
CA VAL A 352 12.10 -8.32 -15.82
C VAL A 352 12.21 -6.81 -15.75
N SER A 353 11.12 -6.11 -15.42
CA SER A 353 11.15 -4.65 -15.41
C SER A 353 12.00 -4.10 -14.27
N ILE A 354 11.96 -4.72 -13.09
CA ILE A 354 12.84 -4.23 -12.03
C ILE A 354 14.28 -4.64 -12.26
N LEU A 355 14.52 -5.68 -13.06
CA LEU A 355 15.88 -5.91 -13.56
C LEU A 355 16.30 -4.81 -14.52
N CYS A 356 15.36 -4.31 -15.32
CA CYS A 356 15.68 -3.30 -16.33
C CYS A 356 15.74 -1.87 -15.78
N ILE A 357 15.29 -1.63 -14.56
CA ILE A 357 15.37 -0.29 -13.97
C ILE A 357 16.81 0.21 -13.83
N PRO A 358 17.74 -0.54 -13.24
CA PRO A 358 19.07 0.04 -12.95
C PRO A 358 19.85 0.50 -14.16
N PHE A 359 19.59 -0.06 -15.35
CA PHE A 359 20.37 0.32 -16.53
C PHE A 359 20.04 1.70 -17.06
N ALA A 360 18.93 2.29 -16.64
CA ALA A 360 18.59 3.64 -17.07
C ALA A 360 19.54 4.65 -16.44
N LYS A 361 19.98 5.63 -17.24
CA LYS A 361 20.87 6.69 -16.76
C LYS A 361 20.28 8.08 -17.01
N ASN A 362 19.00 8.16 -17.33
CA ASN A 362 18.31 9.44 -17.49
C ASN A 362 16.89 9.29 -16.98
N ILE A 363 16.26 10.43 -16.70
CA ILE A 363 14.88 10.42 -16.22
C ILE A 363 13.95 9.84 -17.29
N TYR A 364 14.20 10.15 -18.56
CA TYR A 364 13.38 9.63 -19.65
C TYR A 364 13.58 8.14 -19.85
N GLY A 365 14.65 7.56 -19.29
CA GLY A 365 14.86 6.13 -19.38
C GLY A 365 14.12 5.30 -18.36
N LEU A 366 13.51 5.94 -17.36
CA LEU A 366 12.74 5.24 -16.34
C LEU A 366 11.27 5.08 -16.73
N ILE A 367 10.83 5.68 -17.83
CA ILE A 367 9.42 5.65 -18.19
C ILE A 367 8.98 4.23 -18.54
N ALA A 368 9.75 3.56 -19.40
CA ALA A 368 9.38 2.19 -19.79
C ALA A 368 9.44 1.21 -18.62
N PRO A 369 10.52 1.13 -17.84
CA PRO A 369 10.55 0.13 -16.77
C PRO A 369 9.53 0.37 -15.67
N ASN A 370 9.31 1.63 -15.27
CA ASN A 370 8.30 1.91 -14.27
C ASN A 370 6.90 1.58 -14.78
N PHE A 371 6.64 1.87 -16.06
CA PHE A 371 5.37 1.50 -16.65
C PHE A 371 5.17 0.00 -16.62
N GLY A 372 6.20 -0.76 -16.98
CA GLY A 372 6.12 -2.21 -16.90
C GLY A 372 5.87 -2.70 -15.49
N VAL A 373 6.56 -2.10 -14.52
CA VAL A 373 6.41 -2.49 -13.12
C VAL A 373 4.97 -2.29 -12.66
N GLY A 374 4.43 -1.10 -12.90
CA GLY A 374 3.06 -0.82 -12.48
C GLY A 374 2.05 -1.70 -13.19
N PHE A 375 2.21 -1.88 -14.51
CA PHE A 375 1.28 -2.70 -15.27
C PHE A 375 1.28 -4.14 -14.77
N ALA A 376 2.46 -4.70 -14.54
CA ALA A 376 2.54 -6.09 -14.11
C ALA A 376 2.09 -6.28 -12.67
N ILE A 377 2.33 -5.30 -11.80
CA ILE A 377 1.81 -5.40 -10.43
C ILE A 377 0.29 -5.33 -10.43
N GLY A 378 -0.29 -4.44 -11.24
CA GLY A 378 -1.73 -4.42 -11.37
C GLY A 378 -2.27 -5.72 -11.91
N MET A 379 -1.57 -6.31 -12.88
CA MET A 379 -1.96 -7.60 -13.42
C MET A 379 -1.96 -8.67 -12.33
N VAL A 380 -0.90 -8.71 -11.52
CA VAL A 380 -0.81 -9.71 -10.45
C VAL A 380 -1.94 -9.53 -9.44
N ASP A 381 -2.18 -8.29 -9.02
CA ASP A 381 -3.21 -8.04 -8.02
C ASP A 381 -4.60 -8.39 -8.55
N SER A 382 -4.91 -7.98 -9.78
CA SER A 382 -6.20 -8.29 -10.37
C SER A 382 -6.39 -9.78 -10.57
N SER A 383 -5.29 -10.51 -10.82
CA SER A 383 -5.39 -11.96 -10.95
C SER A 383 -5.51 -12.66 -9.61
N MET A 384 -4.92 -12.10 -8.56
CA MET A 384 -4.78 -12.81 -7.29
C MET A 384 -5.88 -12.52 -6.28
N MET A 385 -6.44 -11.31 -6.25
CA MET A 385 -7.52 -11.06 -5.29
C MET A 385 -8.73 -11.97 -5.52
N PRO A 386 -9.29 -12.09 -6.73
CA PRO A 386 -10.35 -13.08 -6.93
C PRO A 386 -9.91 -14.49 -6.67
N ILE A 387 -8.63 -14.82 -6.91
CA ILE A 387 -8.13 -16.16 -6.60
C ILE A 387 -8.24 -16.42 -5.10
N MET A 388 -7.84 -15.45 -4.28
CA MET A 388 -7.95 -15.61 -2.83
C MET A 388 -9.40 -15.73 -2.40
N GLY A 389 -10.29 -14.93 -3.00
CA GLY A 389 -11.71 -15.06 -2.68
C GLY A 389 -12.25 -16.43 -3.02
N TYR A 390 -11.90 -16.94 -4.20
CA TYR A 390 -12.35 -18.26 -4.62
C TYR A 390 -11.79 -19.35 -3.72
N LEU A 391 -10.53 -19.22 -3.32
CA LEU A 391 -9.92 -20.22 -2.43
C LEU A 391 -10.61 -20.24 -1.07
N VAL A 392 -10.84 -19.06 -0.48
CA VAL A 392 -11.48 -19.04 0.84
C VAL A 392 -12.93 -19.49 0.74
N ASP A 393 -13.59 -19.23 -0.38
CA ASP A 393 -14.94 -19.77 -0.56
C ASP A 393 -14.93 -21.28 -0.63
N LEU A 394 -13.95 -21.87 -1.35
CA LEU A 394 -13.91 -23.31 -1.51
C LEU A 394 -13.55 -24.02 -0.21
N ARG A 395 -12.49 -23.57 0.46
CA ARG A 395 -11.84 -24.39 1.47
C ARG A 395 -12.31 -24.11 2.89
N HIS A 396 -12.77 -22.90 3.19
CA HIS A 396 -13.15 -22.55 4.56
C HIS A 396 -14.47 -21.79 4.52
N VAL A 397 -14.95 -21.44 5.71
CA VAL A 397 -16.16 -20.63 5.85
C VAL A 397 -15.78 -19.18 5.55
N SER A 398 -16.19 -18.68 4.38
CA SER A 398 -15.77 -17.38 3.92
C SER A 398 -16.68 -16.27 4.45
N VAL A 399 -16.07 -15.10 4.66
CA VAL A 399 -16.79 -13.89 5.01
C VAL A 399 -16.26 -12.78 4.12
N SER A 400 -17.03 -11.67 4.06
CA SER A 400 -16.71 -10.61 3.11
C SER A 400 -15.33 -10.00 3.34
N GLY A 401 -14.84 -10.01 4.58
CA GLY A 401 -13.59 -9.37 4.91
C GLY A 401 -12.36 -10.26 4.94
N SER A 402 -12.50 -11.58 4.72
CA SER A 402 -11.35 -12.47 4.82
C SER A 402 -10.30 -12.16 3.75
N VAL A 403 -10.75 -11.89 2.53
CA VAL A 403 -9.81 -11.58 1.45
C VAL A 403 -9.05 -10.30 1.77
N TYR A 404 -9.74 -9.28 2.26
CA TYR A 404 -9.05 -8.05 2.63
C TYR A 404 -8.08 -8.28 3.76
N ALA A 405 -8.46 -9.11 4.74
CA ALA A 405 -7.54 -9.37 5.85
C ALA A 405 -6.26 -10.04 5.36
N ILE A 406 -6.40 -11.04 4.49
CA ILE A 406 -5.22 -11.74 3.99
C ILE A 406 -4.37 -10.81 3.13
N ALA A 407 -5.01 -10.03 2.25
CA ALA A 407 -4.26 -9.12 1.40
C ALA A 407 -3.58 -8.04 2.22
N ASP A 408 -4.23 -7.53 3.27
CA ASP A 408 -3.63 -6.50 4.11
C ASP A 408 -2.44 -7.05 4.88
N VAL A 409 -2.54 -8.30 5.36
CA VAL A 409 -1.38 -8.91 6.01
C VAL A 409 -0.23 -9.06 5.02
N ALA A 410 -0.53 -9.49 3.80
CA ALA A 410 0.51 -9.63 2.78
C ALA A 410 1.17 -8.28 2.49
N PHE A 411 0.36 -7.23 2.30
CA PHE A 411 0.90 -5.91 2.00
C PHE A 411 1.75 -5.39 3.16
N CYS A 412 1.27 -5.54 4.39
CA CYS A 412 2.03 -5.06 5.54
C CYS A 412 3.36 -5.80 5.67
N MET A 413 3.35 -7.12 5.52
CA MET A 413 4.59 -7.87 5.62
C MET A 413 5.56 -7.51 4.50
N GLY A 414 5.06 -7.34 3.28
CA GLY A 414 5.92 -6.96 2.18
C GLY A 414 6.55 -5.59 2.39
N TYR A 415 5.74 -4.60 2.77
CA TYR A 415 6.24 -3.25 2.98
C TYR A 415 7.02 -3.08 4.26
N ALA A 416 6.97 -4.06 5.17
CA ALA A 416 7.84 -4.05 6.33
C ALA A 416 9.19 -4.70 6.06
N ILE A 417 9.20 -5.82 5.33
CA ILE A 417 10.45 -6.49 5.02
C ILE A 417 11.22 -5.77 3.92
N GLY A 418 10.52 -5.06 3.03
CA GLY A 418 11.15 -4.44 1.89
C GLY A 418 12.25 -3.46 2.21
N PRO A 419 11.88 -2.29 2.73
CA PRO A 419 12.91 -1.26 3.01
C PRO A 419 13.97 -1.71 4.01
N SER A 420 13.57 -2.49 5.02
CA SER A 420 14.50 -2.86 6.09
C SER A 420 15.67 -3.68 5.54
N ALA A 421 15.37 -4.72 4.76
CA ALA A 421 16.44 -5.52 4.15
C ALA A 421 17.06 -4.81 2.96
N GLY A 422 16.28 -3.99 2.25
CA GLY A 422 16.80 -3.30 1.09
C GLY A 422 17.89 -2.32 1.44
N GLY A 423 17.76 -1.64 2.57
CA GLY A 423 18.81 -0.73 3.00
C GLY A 423 20.13 -1.45 3.23
N ALA A 424 20.09 -2.59 3.94
CA ALA A 424 21.30 -3.34 4.19
C ALA A 424 21.90 -3.89 2.90
N ILE A 425 21.05 -4.40 2.00
CA ILE A 425 21.55 -4.93 0.73
C ILE A 425 22.17 -3.81 -0.11
N ALA A 426 21.55 -2.64 -0.15
CA ALA A 426 22.09 -1.52 -0.91
C ALA A 426 23.41 -1.05 -0.32
N LYS A 427 23.53 -1.03 1.01
CA LYS A 427 24.80 -0.69 1.62
C LYS A 427 25.89 -1.71 1.26
N ALA A 428 25.54 -3.00 1.30
CA ALA A 428 26.54 -4.04 1.14
C ALA A 428 26.99 -4.17 -0.32
N ILE A 429 26.05 -4.17 -1.27
CA ILE A 429 26.37 -4.56 -2.63
C ILE A 429 25.81 -3.55 -3.64
N GLY A 430 25.00 -2.62 -3.19
CA GLY A 430 24.59 -1.52 -4.03
C GLY A 430 23.17 -1.68 -4.57
N PHE A 431 22.63 -0.56 -5.06
CA PHE A 431 21.27 -0.52 -5.59
C PHE A 431 21.09 -1.39 -6.83
N PRO A 432 21.97 -1.37 -7.84
CA PRO A 432 21.77 -2.27 -8.99
C PRO A 432 21.68 -3.73 -8.62
N TRP A 433 22.52 -4.18 -7.68
CA TRP A 433 22.45 -5.57 -7.26
C TRP A 433 21.22 -5.83 -6.39
N LEU A 434 20.77 -4.83 -5.63
CA LEU A 434 19.51 -4.98 -4.91
C LEU A 434 18.36 -5.24 -5.88
N MET A 435 18.27 -4.42 -6.92
CA MET A 435 17.20 -4.61 -7.91
C MET A 435 17.37 -5.93 -8.65
N THR A 436 18.60 -6.33 -8.93
CA THR A 436 18.83 -7.61 -9.60
C THR A 436 18.36 -8.77 -8.72
N ILE A 437 18.67 -8.74 -7.43
CA ILE A 437 18.23 -9.80 -6.52
C ILE A 437 16.71 -9.84 -6.45
N ILE A 438 16.07 -8.67 -6.35
CA ILE A 438 14.62 -8.64 -6.24
C ILE A 438 13.97 -9.16 -7.53
N GLY A 439 14.54 -8.79 -8.69
CA GLY A 439 14.02 -9.31 -9.94
C GLY A 439 14.16 -10.81 -10.06
N ILE A 440 15.31 -11.35 -9.63
CA ILE A 440 15.51 -12.79 -9.66
C ILE A 440 14.50 -13.49 -8.77
N ILE A 441 14.26 -12.95 -7.57
CA ILE A 441 13.30 -13.57 -6.67
C ILE A 441 11.89 -13.52 -7.26
N ASP A 442 11.50 -12.38 -7.83
CA ASP A 442 10.16 -12.26 -8.40
C ASP A 442 9.98 -13.17 -9.60
N ILE A 443 11.03 -13.39 -10.39
CA ILE A 443 10.94 -14.33 -11.49
C ILE A 443 10.85 -15.77 -10.97
N LEU A 444 11.65 -16.11 -9.97
CA LEU A 444 11.70 -17.48 -9.48
C LEU A 444 10.46 -17.88 -8.69
N PHE A 445 9.72 -16.91 -8.13
CA PHE A 445 8.48 -17.26 -7.45
C PHE A 445 7.34 -17.55 -8.42
N ALA A 446 7.43 -17.09 -9.66
CA ALA A 446 6.34 -17.26 -10.61
C ALA A 446 5.92 -18.72 -10.83
N PRO A 447 6.83 -19.70 -10.95
CA PRO A 447 6.36 -21.08 -11.20
C PRO A 447 5.47 -21.64 -10.11
N LEU A 448 5.50 -21.08 -8.90
CA LEU A 448 4.63 -21.57 -7.83
C LEU A 448 3.16 -21.28 -8.06
N CYS A 449 2.83 -20.40 -9.02
CA CYS A 449 1.44 -20.17 -9.38
C CYS A 449 0.81 -21.36 -10.09
N PHE A 450 1.61 -22.34 -10.53
CA PHE A 450 1.06 -23.53 -11.15
C PHE A 450 0.20 -24.33 -10.18
N PHE A 451 0.51 -24.25 -8.89
CA PHE A 451 -0.28 -24.94 -7.88
C PHE A 451 -1.68 -24.39 -7.74
N LEU A 452 -1.96 -23.22 -8.31
CA LEU A 452 -3.29 -22.61 -8.28
C LEU A 452 -4.11 -22.92 -9.52
N ARG A 453 -3.60 -23.79 -10.41
CA ARG A 453 -4.32 -24.12 -11.63
C ARG A 453 -5.65 -24.80 -11.31
N SER A 454 -5.65 -25.73 -10.36
CA SER A 454 -6.87 -26.40 -9.94
C SER A 454 -6.72 -26.90 -8.51
N PRO A 455 -6.86 -26.02 -7.52
CA PRO A 455 -6.70 -26.43 -6.12
C PRO A 455 -7.86 -27.32 -5.67
N PRO A 456 -7.58 -28.37 -4.92
CA PRO A 456 -8.64 -29.24 -4.42
C PRO A 456 -9.25 -28.73 -3.12
N ALA A 457 -10.48 -29.18 -2.87
CA ALA A 457 -11.15 -28.85 -1.63
C ALA A 457 -10.67 -29.76 -0.50
N LYS A 458 -11.07 -29.41 0.72
CA LYS A 458 -10.68 -30.16 1.90
C LYS A 458 -11.90 -30.53 2.73
N GLU A 459 -11.83 -31.66 3.42
CA GLU A 459 -12.92 -32.12 4.26
C GLU A 459 -13.03 -31.26 5.51
C4 YHR B . -3.11 -0.62 -2.78
C3 YHR B . -2.11 -0.51 -1.63
O2 YHR B . -2.82 -0.20 -0.45
C1 YHR B . -2.91 -1.28 0.49
C10 YHR B . 1.57 0.63 -7.43
C11 YHR B . 2.19 1.21 -6.20
C12 YHR B . 2.02 0.65 -4.96
C13 YHR B . 1.26 -0.55 -4.68
C14 YHR B . 0.59 -0.55 -3.30
C15 YHR B . -0.48 0.55 -3.26
C16 YHR B . -1.18 0.68 -1.89
C17 YHR B . -0.20 0.88 -0.78
C20 YHR B . 0.99 -0.20 0.95
C22 YHR B . 3.28 2.48 -4.64
C23 YHR B . 3.00 2.39 -6.02
C24 YHR B . 3.49 3.38 -6.86
C25 YHR B . 4.25 4.43 -6.34
C26 YHR B . 4.50 4.48 -4.97
C27 YHR B . 4.03 3.51 -4.10
C29 YHR B . 5.78 6.48 -5.23
C31 YHR B . -5.18 -1.76 -3.20
C33 YHR B . -6.06 -2.85 -2.72
C34 YHR B . -5.76 -3.53 -1.54
C35 YHR B . -6.62 -4.50 -1.06
C36 YHR B . -7.79 -4.81 -1.75
C37 YHR B . -8.10 -4.12 -2.93
C38 YHR B . -7.23 -3.16 -3.42
C40 YHR B . -9.62 -3.80 -4.74
C42 YHR B . -8.43 -7.08 -1.70
C44 YHR B . -5.30 -4.84 0.90
C5 YHR B . -2.37 -0.91 -4.07
C6 YHR B . -1.49 0.31 -4.39
C7 YHR B . -0.84 0.21 -5.77
C9 YHR B . 1.00 -0.74 -7.13
N21 YHR B . 2.67 1.40 -4.01
N8 YHR B . 0.29 -0.78 -5.80
O18 YHR B . 0.31 1.93 -0.48
O19 YHR B . 0.05 -0.27 -0.15
O28 YHR B . 5.24 5.48 -4.37
O30 YHR B . -4.03 -1.71 -2.48
O32 YHR B . -5.44 -1.02 -4.10
O39 YHR B . -9.26 -4.48 -3.54
O41 YHR B . -8.66 -5.75 -1.26
O43 YHR B . -6.43 -5.19 0.10
#